data_2CRK
#
_entry.id   2CRK
#
_cell.length_a   199.600
_cell.length_b   199.600
_cell.length_c   71.000
_cell.angle_alpha   90.00
_cell.angle_beta   90.00
_cell.angle_gamma   90.00
#
_symmetry.space_group_name_H-M   'I 4 2 2'
#
loop_
_entity.id
_entity.type
_entity.pdbx_description
1 polymer 'PROTEIN (CREATINE KINASE)'
2 non-polymer 'SULFATE ION'
3 water water
#
_entity_poly.entity_id   1
_entity_poly.type   'polypeptide(L)'
_entity_poly.pdbx_seq_one_letter_code
;MPFGNTHNKYKLNYKSEEEYPDLSKHNNHMAKVLTPDLYKKLRDKETPSGFTLDDVIQTGVDNPGHPFIMTVGCVAGDEE
SYTVFKDLFDPIIQDRHGGFKPTDKHKTDLNHENLKGGDDLDPHYVLSSRVRTGRSIKGYTLPPHCSRGERRAVEKLSVE
ALNSLTGEFKGKYYPLKSMTEQEQQQLIDDHFLFDKPVSPLLLASGMARDWPDARGIWHNDNKSFLVWVNEEDHLRVISM
EKGGNMKEVFRRFCVGLQKIEEIFKKAGHPFMWNEHLGYVLTCPSNLGTGLRGGVHVKLAHLSKHPKFEEILTRLRLQKR
GTSVFDTAAVGSVFDISNADRLGSSEVEQVQLVVDGVKLMVEMEKKLEKGQSIDDMIPAQK
;
_entity_poly.pdbx_strand_id   A
#
loop_
_chem_comp.id
_chem_comp.type
_chem_comp.name
_chem_comp.formula
SO4 non-polymer 'SULFATE ION' 'O4 S -2'
#
# COMPACT_ATOMS: atom_id res chain seq x y z
N ASN A 8 9.68 8.17 20.77
CA ASN A 8 8.77 7.11 21.27
C ASN A 8 9.49 6.67 22.59
N LYS A 9 10.05 5.44 22.59
CA LYS A 9 10.87 4.93 23.72
C LYS A 9 10.16 4.77 25.06
N TYR A 10 10.53 3.74 25.80
CA TYR A 10 9.97 3.42 27.13
C TYR A 10 11.05 3.61 28.18
N LYS A 11 10.83 3.03 29.37
CA LYS A 11 11.79 2.97 30.48
C LYS A 11 11.29 1.96 31.51
N LEU A 12 11.85 0.75 31.44
CA LEU A 12 11.49 -0.36 32.29
C LEU A 12 11.73 -0.15 33.77
N ASN A 13 12.37 0.96 34.14
CA ASN A 13 12.54 1.23 35.56
C ASN A 13 11.18 1.75 36.00
N TYR A 14 10.42 2.29 35.07
CA TYR A 14 9.10 2.78 35.41
C TYR A 14 8.01 1.69 35.47
N LYS A 15 7.00 1.92 36.28
CA LYS A 15 5.88 0.97 36.38
C LYS A 15 5.06 1.01 35.09
N SER A 16 4.55 -0.14 34.67
CA SER A 16 3.78 -0.27 33.43
C SER A 16 2.67 0.78 33.36
N GLU A 17 2.04 1.03 34.50
CA GLU A 17 0.96 2.00 34.58
C GLU A 17 1.45 3.44 34.47
N GLU A 18 2.73 3.68 34.76
CA GLU A 18 3.29 5.02 34.65
C GLU A 18 3.62 5.34 33.20
N GLU A 19 3.86 4.29 32.42
CA GLU A 19 4.18 4.39 30.99
C GLU A 19 3.02 4.05 30.04
N TYR A 20 1.92 3.51 30.56
CA TYR A 20 0.78 3.14 29.73
C TYR A 20 0.20 4.37 29.05
N PRO A 21 -0.08 4.27 27.76
CA PRO A 21 -0.65 5.47 27.12
C PRO A 21 -2.11 5.78 27.47
N ASP A 22 -2.41 7.08 27.47
CA ASP A 22 -3.76 7.55 27.73
C ASP A 22 -4.46 7.48 26.40
N LEU A 23 -5.09 6.34 26.09
CA LEU A 23 -5.78 6.18 24.81
C LEU A 23 -7.26 6.60 24.84
N SER A 24 -7.60 7.39 25.87
CA SER A 24 -8.94 7.90 26.12
C SER A 24 -9.87 8.13 24.91
N LYS A 25 -9.75 9.25 24.21
CA LYS A 25 -10.64 9.47 23.08
C LYS A 25 -9.95 9.28 21.78
N HIS A 26 -9.38 8.09 21.61
CA HIS A 26 -8.65 7.72 20.40
C HIS A 26 -9.52 6.77 19.62
N ASN A 27 -9.41 6.82 18.31
CA ASN A 27 -10.25 5.99 17.48
C ASN A 27 -9.38 5.38 16.42
N ASN A 28 -8.61 4.36 16.82
CA ASN A 28 -7.73 3.68 15.91
C ASN A 28 -7.66 2.23 16.29
N HIS A 29 -7.30 1.39 15.33
CA HIS A 29 -7.19 -0.02 15.57
C HIS A 29 -6.30 -0.36 16.75
N MET A 30 -5.21 0.40 16.96
CA MET A 30 -4.32 0.14 18.08
C MET A 30 -5.00 0.37 19.43
N ALA A 31 -5.70 1.48 19.55
CA ALA A 31 -6.36 1.84 20.79
C ALA A 31 -7.46 0.92 21.22
N LYS A 32 -8.05 0.22 20.26
CA LYS A 32 -9.13 -0.73 20.55
C LYS A 32 -8.55 -2.04 21.13
N VAL A 33 -7.33 -2.38 20.70
CA VAL A 33 -6.68 -3.59 21.14
C VAL A 33 -5.84 -3.51 22.42
N LEU A 34 -5.15 -2.39 22.64
CA LEU A 34 -4.31 -2.26 23.81
C LEU A 34 -5.13 -2.22 25.07
N THR A 35 -4.67 -2.96 26.07
CA THR A 35 -5.29 -3.03 27.38
C THR A 35 -4.08 -2.94 28.30
N PRO A 36 -4.26 -2.54 29.57
CA PRO A 36 -3.08 -2.45 30.45
C PRO A 36 -2.20 -3.73 30.50
N ASP A 37 -2.84 -4.89 30.46
CA ASP A 37 -2.09 -6.14 30.50
C ASP A 37 -1.25 -6.39 29.29
N LEU A 38 -1.82 -6.15 28.11
CA LEU A 38 -1.10 -6.35 26.87
C LEU A 38 0.16 -5.50 26.86
N TYR A 39 0.08 -4.28 27.41
CA TYR A 39 1.23 -3.40 27.48
C TYR A 39 2.19 -3.98 28.49
N LYS A 40 1.72 -4.25 29.71
CA LYS A 40 2.62 -4.82 30.72
C LYS A 40 3.41 -6.04 30.21
N LYS A 41 2.70 -6.95 29.56
CA LYS A 41 3.30 -8.17 29.00
C LYS A 41 4.37 -7.96 27.92
N LEU A 42 4.07 -7.08 26.97
CA LEU A 42 4.96 -6.81 25.83
C LEU A 42 5.87 -5.59 25.91
N ARG A 43 5.72 -4.75 26.94
CA ARG A 43 6.53 -3.53 27.04
C ARG A 43 8.01 -3.77 27.22
N ASP A 44 8.42 -4.97 27.61
CA ASP A 44 9.81 -5.24 27.82
C ASP A 44 10.44 -5.96 26.67
N LYS A 45 9.68 -6.17 25.60
CA LYS A 45 10.21 -6.91 24.45
C LYS A 45 10.84 -5.99 23.45
N GLU A 46 11.54 -6.57 22.49
CA GLU A 46 12.14 -5.80 21.42
C GLU A 46 12.65 -6.69 20.34
N THR A 47 12.70 -6.16 19.14
CA THR A 47 13.13 -6.90 17.96
C THR A 47 14.65 -6.94 17.86
N PRO A 48 15.19 -7.85 17.06
CA PRO A 48 16.63 -7.91 16.95
C PRO A 48 17.26 -6.55 16.71
N SER A 49 16.47 -5.63 16.15
CA SER A 49 16.94 -4.28 15.83
C SER A 49 16.71 -3.21 16.90
N GLY A 50 16.03 -3.55 17.98
CA GLY A 50 15.82 -2.56 19.05
C GLY A 50 14.45 -1.93 19.06
N PHE A 51 13.59 -2.42 18.18
CA PHE A 51 12.21 -1.94 17.98
C PHE A 51 11.32 -2.54 19.02
N THR A 52 10.68 -1.64 19.73
CA THR A 52 9.83 -1.89 20.85
C THR A 52 8.37 -1.53 20.59
N LEU A 53 7.49 -1.92 21.51
CA LEU A 53 6.06 -1.64 21.42
C LEU A 53 5.81 -0.13 21.43
N ASP A 54 6.53 0.64 22.25
CA ASP A 54 6.31 2.11 22.30
C ASP A 54 6.46 2.65 20.91
N ASP A 55 7.33 2.02 20.13
CA ASP A 55 7.59 2.42 18.77
C ASP A 55 6.52 2.02 17.79
N VAL A 56 5.75 0.96 18.11
CA VAL A 56 4.70 0.54 17.19
C VAL A 56 3.50 1.46 17.39
N ILE A 57 3.12 1.63 18.65
CA ILE A 57 1.96 2.40 19.01
C ILE A 57 2.08 3.89 19.03
N GLN A 58 3.29 4.43 18.88
CA GLN A 58 3.51 5.87 18.96
C GLN A 58 2.61 6.73 18.08
N THR A 59 2.57 6.42 16.78
CA THR A 59 1.73 7.17 15.87
C THR A 59 0.24 7.06 16.22
N GLY A 60 -0.11 6.04 17.00
CA GLY A 60 -1.48 5.86 17.45
C GLY A 60 -1.73 6.60 18.77
N VAL A 61 -0.67 6.95 19.47
CA VAL A 61 -0.87 7.69 20.69
C VAL A 61 -0.94 9.17 20.33
N ASP A 62 -0.19 9.54 19.30
CA ASP A 62 -0.12 10.92 18.85
C ASP A 62 -1.33 11.34 18.04
N ASN A 63 -1.87 10.40 17.28
CA ASN A 63 -3.03 10.69 16.45
C ASN A 63 -4.35 10.03 16.91
N PRO A 64 -5.11 10.74 17.77
CA PRO A 64 -6.39 10.24 18.29
C PRO A 64 -7.39 10.20 17.15
N GLY A 65 -7.16 11.04 16.13
CA GLY A 65 -7.99 11.09 14.94
C GLY A 65 -9.41 11.62 14.99
N HIS A 66 -10.28 11.02 14.18
CA HIS A 66 -11.68 11.45 14.12
C HIS A 66 -12.59 10.23 14.24
N PRO A 67 -13.68 10.35 15.02
CA PRO A 67 -14.68 9.31 15.28
C PRO A 67 -15.32 8.80 14.01
N PHE A 68 -15.31 9.59 12.96
CA PHE A 68 -15.95 9.14 11.73
C PHE A 68 -15.19 8.05 11.06
N ILE A 69 -13.87 8.13 11.06
CA ILE A 69 -13.08 7.11 10.41
C ILE A 69 -11.90 6.57 11.23
N MET A 70 -11.71 5.25 11.13
CA MET A 70 -10.66 4.53 11.85
C MET A 70 -9.35 4.33 11.11
N THR A 71 -8.28 4.71 11.78
CA THR A 71 -6.95 4.55 11.26
C THR A 71 -6.37 3.31 11.97
N VAL A 72 -5.30 2.75 11.41
CA VAL A 72 -4.71 1.58 12.01
C VAL A 72 -4.06 1.94 13.33
N GLY A 73 -3.43 3.11 13.35
CA GLY A 73 -2.82 3.60 14.56
C GLY A 73 -1.51 2.97 15.03
N CYS A 74 -0.85 2.17 14.18
CA CYS A 74 0.40 1.55 14.59
C CYS A 74 1.23 1.15 13.40
N VAL A 75 2.53 0.98 13.60
CA VAL A 75 3.40 0.59 12.50
C VAL A 75 4.38 -0.46 12.99
N ALA A 76 5.03 -1.14 12.05
CA ALA A 76 6.05 -2.14 12.32
C ALA A 76 7.38 -1.58 11.80
N GLY A 77 8.46 -1.70 12.58
CA GLY A 77 9.73 -1.18 12.11
C GLY A 77 10.63 -2.28 11.60
N ASP A 78 10.11 -3.52 11.70
CA ASP A 78 10.84 -4.74 11.35
C ASP A 78 9.96 -5.83 10.75
N GLU A 79 10.57 -6.88 10.19
CA GLU A 79 9.79 -8.03 9.75
C GLU A 79 9.39 -8.77 11.01
N GLU A 80 10.25 -8.73 12.03
CA GLU A 80 9.96 -9.39 13.28
C GLU A 80 9.04 -8.66 14.25
N SER A 81 8.60 -7.45 13.92
CA SER A 81 7.68 -6.75 14.81
C SER A 81 6.32 -7.46 14.80
N TYR A 82 5.94 -8.01 13.66
CA TYR A 82 4.67 -8.68 13.52
C TYR A 82 4.63 -9.94 14.35
N THR A 83 5.78 -10.57 14.54
CA THR A 83 5.86 -11.80 15.31
C THR A 83 6.05 -11.52 16.76
N VAL A 84 7.09 -10.72 17.07
CA VAL A 84 7.44 -10.36 18.45
C VAL A 84 6.26 -9.74 19.18
N PHE A 85 5.56 -8.85 18.48
CA PHE A 85 4.37 -8.18 19.02
C PHE A 85 3.06 -8.71 18.37
N LYS A 86 3.01 -10.02 18.07
CA LYS A 86 1.84 -10.63 17.47
C LYS A 86 0.59 -10.45 18.28
N ASP A 87 0.70 -10.33 19.59
CA ASP A 87 -0.49 -10.20 20.44
C ASP A 87 -1.20 -8.87 20.24
N LEU A 88 -0.50 -7.92 19.62
CA LEU A 88 -1.03 -6.59 19.34
C LEU A 88 -1.47 -6.64 17.90
N PHE A 89 -0.56 -6.98 17.01
CA PHE A 89 -0.85 -7.03 15.60
C PHE A 89 -1.92 -8.01 15.17
N ASP A 90 -1.86 -9.23 15.72
CA ASP A 90 -2.84 -10.28 15.40
C ASP A 90 -4.29 -9.81 15.38
N PRO A 91 -4.84 -9.37 16.54
CA PRO A 91 -6.23 -8.92 16.53
C PRO A 91 -6.53 -7.71 15.64
N ILE A 92 -5.52 -6.87 15.43
CA ILE A 92 -5.65 -5.66 14.59
C ILE A 92 -5.75 -6.09 13.12
N ILE A 93 -5.04 -7.14 12.76
CA ILE A 93 -5.06 -7.66 11.41
C ILE A 93 -6.38 -8.37 11.11
N GLN A 94 -6.92 -9.08 12.09
CA GLN A 94 -8.18 -9.82 11.94
C GLN A 94 -9.38 -8.86 11.80
N ASP A 95 -9.28 -7.74 12.49
CA ASP A 95 -10.31 -6.72 12.51
C ASP A 95 -10.33 -5.91 11.21
N ARG A 96 -9.16 -5.36 10.86
CA ARG A 96 -8.95 -4.52 9.69
C ARG A 96 -9.09 -5.27 8.39
N HIS A 97 -8.77 -6.54 8.39
CA HIS A 97 -8.82 -7.32 7.17
C HIS A 97 -9.91 -8.42 7.17
N GLY A 98 -11.06 -8.12 7.77
CA GLY A 98 -12.17 -9.07 7.75
C GLY A 98 -11.98 -10.48 8.28
N GLY A 99 -11.76 -10.58 9.58
CA GLY A 99 -11.60 -11.86 10.23
C GLY A 99 -10.42 -12.72 9.87
N PHE A 100 -9.41 -12.15 9.21
CA PHE A 100 -8.21 -12.92 8.83
C PHE A 100 -7.44 -13.36 10.07
N LYS A 101 -7.60 -14.63 10.42
CA LYS A 101 -6.99 -15.26 11.61
C LYS A 101 -5.48 -15.35 11.66
N PRO A 102 -4.92 -15.56 12.85
CA PRO A 102 -3.48 -15.71 13.12
C PRO A 102 -2.96 -16.98 12.44
N THR A 103 -3.90 -17.85 12.09
CA THR A 103 -3.60 -19.13 11.45
C THR A 103 -4.00 -19.24 9.99
N ASP A 104 -4.40 -18.13 9.38
CA ASP A 104 -4.74 -18.15 7.97
C ASP A 104 -3.49 -17.97 7.14
N LYS A 105 -3.60 -18.21 5.84
CA LYS A 105 -2.45 -18.07 4.99
C LYS A 105 -2.82 -17.15 3.85
N HIS A 106 -1.82 -16.50 3.28
CA HIS A 106 -2.03 -15.57 2.17
C HIS A 106 -1.42 -16.13 0.92
N LYS A 107 -2.23 -16.27 -0.12
CA LYS A 107 -1.73 -16.81 -1.38
C LYS A 107 -1.39 -15.62 -2.23
N THR A 108 -0.20 -15.68 -2.84
CA THR A 108 0.29 -14.63 -3.73
C THR A 108 0.11 -15.13 -5.14
N ASP A 109 -0.28 -14.25 -6.06
CA ASP A 109 -0.49 -14.65 -7.44
C ASP A 109 -0.14 -13.52 -8.42
N LEU A 110 1.06 -13.61 -8.99
CA LEU A 110 1.52 -12.59 -9.91
C LEU A 110 1.66 -13.14 -11.33
N ASN A 111 0.91 -14.19 -11.62
CA ASN A 111 0.90 -14.75 -12.97
C ASN A 111 -0.16 -13.94 -13.69
N HIS A 112 0.29 -12.96 -14.47
CA HIS A 112 -0.64 -12.11 -15.20
C HIS A 112 -1.47 -12.93 -16.17
N GLU A 113 -0.98 -14.10 -16.54
CA GLU A 113 -1.73 -14.97 -17.45
C GLU A 113 -3.02 -15.46 -16.80
N ASN A 114 -3.02 -15.48 -15.47
CA ASN A 114 -4.21 -15.87 -14.72
C ASN A 114 -5.28 -14.79 -14.72
N LEU A 115 -4.94 -13.60 -15.21
CA LEU A 115 -5.96 -12.58 -15.28
C LEU A 115 -6.94 -13.07 -16.35
N LYS A 116 -6.54 -14.10 -17.10
CA LYS A 116 -7.39 -14.74 -18.13
C LYS A 116 -8.88 -14.56 -17.75
N GLY A 117 -9.48 -13.56 -18.37
CA GLY A 117 -10.84 -13.22 -18.06
C GLY A 117 -10.56 -11.92 -17.34
N GLY A 118 -10.34 -10.91 -18.16
CA GLY A 118 -10.04 -9.60 -17.65
C GLY A 118 -9.59 -8.93 -18.92
N ASP A 119 -9.98 -7.68 -19.15
CA ASP A 119 -9.61 -7.13 -20.43
C ASP A 119 -9.14 -5.71 -20.65
N ASP A 120 -9.75 -5.16 -21.72
CA ASP A 120 -9.52 -3.86 -22.32
C ASP A 120 -10.84 -3.03 -22.26
N LEU A 121 -10.99 -2.36 -21.10
CA LEU A 121 -12.11 -1.51 -20.66
C LEU A 121 -12.42 -0.29 -21.52
N ASP A 122 -13.69 0.12 -21.55
CA ASP A 122 -14.16 1.21 -22.42
C ASP A 122 -13.50 2.57 -22.28
N PRO A 123 -12.73 2.98 -23.31
CA PRO A 123 -12.04 4.26 -23.32
C PRO A 123 -12.89 5.50 -23.23
N HIS A 124 -14.18 5.39 -23.48
CA HIS A 124 -15.06 6.57 -23.35
C HIS A 124 -15.39 6.80 -21.87
N TYR A 125 -15.17 5.75 -21.07
CA TYR A 125 -15.44 5.81 -19.65
C TYR A 125 -14.20 5.66 -18.75
N VAL A 126 -13.24 4.82 -19.18
CA VAL A 126 -11.99 4.61 -18.41
C VAL A 126 -10.91 5.50 -19.01
N LEU A 127 -10.55 6.54 -18.27
CA LEU A 127 -9.55 7.53 -18.69
C LEU A 127 -8.13 7.01 -18.57
N SER A 128 -7.85 6.34 -17.46
CA SER A 128 -6.53 5.76 -17.20
C SER A 128 -6.63 4.45 -16.38
N SER A 129 -5.68 3.53 -16.57
CA SER A 129 -5.62 2.25 -15.83
C SER A 129 -4.31 2.11 -15.01
N ARG A 130 -4.41 1.58 -13.78
CA ARG A 130 -3.21 1.54 -12.96
C ARG A 130 -3.12 0.54 -11.81
N VAL A 131 -1.93 -0.07 -11.68
CA VAL A 131 -1.66 -1.02 -10.61
C VAL A 131 -0.43 -0.64 -9.80
N ARG A 132 -0.61 -0.51 -8.49
CA ARG A 132 0.51 -0.19 -7.62
C ARG A 132 0.60 -1.13 -6.44
N THR A 133 1.82 -1.27 -5.94
CA THR A 133 2.10 -2.13 -4.80
C THR A 133 3.27 -1.56 -4.02
N GLY A 134 3.55 -2.14 -2.88
CA GLY A 134 4.66 -1.68 -2.07
C GLY A 134 5.47 -2.89 -1.69
N ARG A 135 6.78 -2.71 -1.59
CA ARG A 135 7.68 -3.78 -1.24
C ARG A 135 8.62 -3.34 -0.18
N SER A 136 9.05 -4.33 0.61
CA SER A 136 10.04 -4.17 1.65
C SER A 136 11.16 -5.09 1.19
N ILE A 137 12.37 -4.76 1.60
CA ILE A 137 13.57 -5.52 1.23
C ILE A 137 14.14 -6.18 2.48
N LYS A 138 14.23 -7.50 2.43
CA LYS A 138 14.73 -8.28 3.54
C LYS A 138 16.14 -7.92 3.96
N GLY A 139 16.32 -7.61 5.22
CA GLY A 139 17.65 -7.29 5.68
C GLY A 139 17.78 -5.91 6.26
N TYR A 140 16.83 -5.03 5.96
CA TYR A 140 16.85 -3.67 6.47
C TYR A 140 15.62 -3.42 7.30
N THR A 141 15.64 -2.46 8.19
CA THR A 141 14.44 -2.20 8.97
C THR A 141 13.46 -1.30 8.19
N LEU A 142 12.20 -1.23 8.58
CA LEU A 142 11.24 -0.43 7.86
C LEU A 142 11.44 1.08 8.19
N PRO A 143 10.98 2.02 7.30
CA PRO A 143 11.14 3.47 7.49
C PRO A 143 10.94 4.12 8.81
N PRO A 144 10.01 3.58 9.64
CA PRO A 144 9.91 4.31 10.92
C PRO A 144 11.10 4.12 11.85
N HIS A 145 12.05 3.28 11.44
CA HIS A 145 13.18 2.93 12.29
C HIS A 145 14.56 2.95 11.61
N CYS A 146 14.59 2.69 10.33
CA CYS A 146 15.86 2.64 9.60
C CYS A 146 16.78 3.85 9.73
N SER A 147 18.07 3.55 9.84
CA SER A 147 19.15 4.53 9.96
C SER A 147 19.55 5.01 8.56
N ARG A 148 20.29 6.13 8.48
CA ARG A 148 20.72 6.67 7.19
C ARG A 148 21.53 5.65 6.47
N GLY A 149 22.24 4.82 7.23
CA GLY A 149 23.07 3.80 6.65
C GLY A 149 22.21 2.78 5.99
N GLU A 150 21.14 2.36 6.68
CA GLU A 150 20.21 1.37 6.12
C GLU A 150 19.47 1.97 4.94
N ARG A 151 19.00 3.20 5.09
CA ARG A 151 18.30 3.83 4.00
C ARG A 151 19.17 3.89 2.74
N ARG A 152 20.41 4.35 2.88
CA ARG A 152 21.32 4.47 1.74
C ARG A 152 21.60 3.15 1.02
N ALA A 153 21.65 2.07 1.81
CA ALA A 153 21.89 0.70 1.32
C ALA A 153 20.69 0.26 0.48
N VAL A 154 19.48 0.59 0.94
CA VAL A 154 18.26 0.24 0.21
C VAL A 154 18.25 1.05 -1.08
N GLU A 155 18.54 2.35 -0.97
CA GLU A 155 18.56 3.16 -2.17
C GLU A 155 19.62 2.64 -3.07
N LYS A 156 20.78 2.31 -2.53
CA LYS A 156 21.88 1.82 -3.36
C LYS A 156 21.55 0.56 -4.09
N LEU A 157 20.97 -0.38 -3.37
CA LEU A 157 20.62 -1.66 -3.95
C LEU A 157 19.54 -1.51 -5.03
N SER A 158 18.56 -0.66 -4.78
CA SER A 158 17.46 -0.45 -5.73
C SER A 158 17.90 0.19 -7.02
N VAL A 159 18.63 1.32 -6.91
CA VAL A 159 19.11 2.07 -8.07
C VAL A 159 19.95 1.22 -8.97
N GLU A 160 20.77 0.36 -8.38
CA GLU A 160 21.62 -0.51 -9.21
C GLU A 160 20.84 -1.57 -9.93
N ALA A 161 19.73 -2.02 -9.34
CA ALA A 161 18.83 -3.03 -9.94
C ALA A 161 18.07 -2.36 -11.06
N LEU A 162 17.48 -1.21 -10.75
CA LEU A 162 16.72 -0.44 -11.75
C LEU A 162 17.58 -0.03 -12.95
N ASN A 163 18.79 0.47 -12.68
CA ASN A 163 19.70 0.91 -13.73
C ASN A 163 20.10 -0.18 -14.69
N SER A 164 19.99 -1.43 -14.25
CA SER A 164 20.37 -2.56 -15.11
C SER A 164 19.24 -3.02 -16.00
N LEU A 165 18.02 -2.64 -15.63
CA LEU A 165 16.86 -3.05 -16.39
C LEU A 165 16.98 -2.50 -17.80
N THR A 166 16.47 -3.23 -18.78
CA THR A 166 16.55 -2.77 -20.17
C THR A 166 15.25 -2.92 -20.97
N GLY A 167 15.23 -2.30 -22.14
CA GLY A 167 14.08 -2.38 -23.05
C GLY A 167 12.88 -1.58 -22.63
N GLU A 168 11.75 -2.24 -22.47
CA GLU A 168 10.52 -1.56 -22.05
C GLU A 168 10.79 -0.96 -20.70
N PHE A 169 11.70 -1.59 -19.96
CA PHE A 169 12.07 -1.16 -18.62
C PHE A 169 13.31 -0.33 -18.49
N LYS A 170 13.88 0.16 -19.60
CA LYS A 170 15.05 1.01 -19.43
C LYS A 170 14.51 2.29 -18.83
N GLY A 171 15.28 2.93 -17.95
CA GLY A 171 14.79 4.15 -17.31
C GLY A 171 15.86 5.01 -16.72
N LYS A 172 15.51 5.83 -15.73
CA LYS A 172 16.48 6.73 -15.11
C LYS A 172 16.05 7.12 -13.69
N TYR A 173 17.03 7.34 -12.81
CA TYR A 173 16.79 7.65 -11.42
C TYR A 173 16.93 9.14 -11.13
N TYR A 174 16.05 9.66 -10.28
CA TYR A 174 16.04 11.06 -9.93
C TYR A 174 16.05 11.24 -8.43
N PRO A 175 17.22 11.57 -7.86
CA PRO A 175 17.33 11.78 -6.42
C PRO A 175 16.61 13.02 -6.06
N LEU A 176 15.99 13.08 -4.91
CA LEU A 176 15.32 14.30 -4.55
C LEU A 176 16.36 15.36 -4.17
N LYS A 177 17.44 14.95 -3.51
CA LYS A 177 18.45 15.87 -3.01
C LYS A 177 19.11 16.85 -3.99
N SER A 178 19.48 16.39 -5.17
CA SER A 178 20.12 17.24 -6.17
C SER A 178 19.23 17.47 -7.41
N MET A 179 17.94 17.57 -7.21
CA MET A 179 17.04 17.72 -8.33
C MET A 179 16.99 19.14 -8.84
N THR A 180 17.16 19.32 -10.16
CA THR A 180 17.12 20.65 -10.75
C THR A 180 15.65 21.02 -10.91
N GLU A 181 15.36 22.32 -10.94
CA GLU A 181 13.98 22.81 -11.09
C GLU A 181 13.29 22.24 -12.34
N GLN A 182 14.07 22.07 -13.41
CA GLN A 182 13.58 21.54 -14.68
C GLN A 182 13.23 20.06 -14.55
N GLU A 183 14.08 19.35 -13.81
CA GLU A 183 13.89 17.93 -13.59
C GLU A 183 12.68 17.72 -12.71
N GLN A 184 12.48 18.66 -11.80
CA GLN A 184 11.37 18.62 -10.86
C GLN A 184 9.98 19.08 -11.39
N GLN A 185 9.95 20.13 -12.21
CA GLN A 185 8.68 20.59 -12.79
C GLN A 185 8.14 19.50 -13.72
N GLN A 186 9.06 18.87 -14.44
CA GLN A 186 8.73 17.80 -15.35
C GLN A 186 8.01 16.72 -14.56
N LEU A 187 8.65 16.27 -13.47
CA LEU A 187 8.07 15.22 -12.64
C LEU A 187 6.76 15.65 -12.02
N ILE A 188 6.58 16.94 -11.82
CA ILE A 188 5.35 17.44 -11.23
C ILE A 188 4.26 17.31 -12.25
N ASP A 189 4.53 17.71 -13.49
CA ASP A 189 3.47 17.59 -14.46
C ASP A 189 3.52 16.25 -15.20
N ASP A 190 4.19 15.29 -14.58
CA ASP A 190 4.31 13.94 -15.12
C ASP A 190 3.60 13.04 -14.13
N HIS A 191 3.36 13.60 -12.94
CA HIS A 191 2.69 12.95 -11.83
C HIS A 191 3.51 11.86 -11.18
N PHE A 192 4.83 12.04 -11.31
CA PHE A 192 5.81 11.14 -10.76
C PHE A 192 6.43 11.64 -9.45
N LEU A 193 6.21 12.90 -9.10
CA LEU A 193 6.85 13.45 -7.91
C LEU A 193 6.22 13.25 -6.52
N PHE A 194 7.09 13.10 -5.50
CA PHE A 194 6.62 13.02 -4.11
C PHE A 194 7.54 13.88 -3.28
N ASP A 195 7.04 14.36 -2.15
CA ASP A 195 7.87 15.16 -1.29
C ASP A 195 7.64 14.78 0.15
N LYS A 196 8.33 15.48 1.05
CA LYS A 196 8.25 15.20 2.46
C LYS A 196 6.83 15.13 2.91
N PRO A 197 6.49 14.06 3.63
CA PRO A 197 5.16 13.78 4.17
C PRO A 197 4.65 14.86 5.09
N VAL A 198 3.40 15.27 4.88
CA VAL A 198 2.80 16.27 5.75
C VAL A 198 1.82 15.59 6.68
N SER A 199 1.46 14.34 6.37
CA SER A 199 0.53 13.61 7.21
C SER A 199 1.19 13.35 8.53
N PRO A 200 0.49 13.65 9.62
CA PRO A 200 0.90 13.49 11.01
C PRO A 200 0.97 12.01 11.41
N LEU A 201 0.26 11.14 10.67
CA LEU A 201 0.26 9.71 10.98
C LEU A 201 1.60 9.18 10.52
N LEU A 202 2.10 9.81 9.45
CA LEU A 202 3.38 9.47 8.85
C LEU A 202 4.51 10.13 9.62
N LEU A 203 4.35 11.40 9.96
CA LEU A 203 5.40 12.11 10.68
C LEU A 203 5.65 11.58 12.10
N ALA A 204 4.59 11.18 12.80
CA ALA A 204 4.67 10.65 14.18
C ALA A 204 5.36 9.29 14.38
N SER A 205 5.52 8.51 13.32
CA SER A 205 6.20 7.24 13.47
C SER A 205 7.71 7.37 13.22
N GLY A 206 8.16 8.61 12.97
CA GLY A 206 9.56 8.90 12.72
C GLY A 206 10.15 8.52 11.38
N MET A 207 9.33 8.22 10.40
CA MET A 207 9.83 7.81 9.08
C MET A 207 10.33 8.95 8.20
N ALA A 208 10.10 10.21 8.61
CA ALA A 208 10.52 11.41 7.84
C ALA A 208 11.93 11.99 8.12
N ARG A 209 12.66 11.37 9.06
CA ARG A 209 14.01 11.76 9.49
C ARG A 209 14.96 11.80 8.31
N ASP A 210 15.88 12.76 8.33
CA ASP A 210 16.91 12.93 7.29
C ASP A 210 16.48 13.30 5.89
N TRP A 211 15.24 13.72 5.72
CA TRP A 211 14.70 14.07 4.39
C TRP A 211 15.53 15.10 3.66
N PRO A 212 15.86 14.87 2.38
CA PRO A 212 15.56 13.74 1.48
C PRO A 212 16.71 12.78 1.29
N ASP A 213 17.50 12.53 2.32
CA ASP A 213 18.65 11.64 2.22
C ASP A 213 18.17 10.30 1.71
N ALA A 214 18.84 9.78 0.68
CA ALA A 214 18.51 8.50 0.10
C ALA A 214 17.10 8.33 -0.50
N ARG A 215 16.27 9.38 -0.54
CA ARG A 215 14.95 9.25 -1.18
C ARG A 215 15.18 9.51 -2.67
N GLY A 216 14.23 9.15 -3.51
CA GLY A 216 14.41 9.33 -4.94
C GLY A 216 13.25 8.87 -5.78
N ILE A 217 13.34 9.10 -7.09
CA ILE A 217 12.28 8.74 -8.03
C ILE A 217 12.88 8.14 -9.29
N TRP A 218 12.38 6.97 -9.68
CA TRP A 218 12.81 6.25 -10.86
C TRP A 218 11.60 5.97 -11.74
N HIS A 219 11.77 6.07 -13.07
CA HIS A 219 10.71 5.76 -14.03
C HIS A 219 11.35 5.32 -15.33
N ASN A 220 10.68 4.45 -16.08
CA ASN A 220 11.20 3.98 -17.36
C ASN A 220 11.07 5.07 -18.40
N ASP A 221 11.74 4.91 -19.54
CA ASP A 221 11.69 5.93 -20.58
C ASP A 221 10.27 6.18 -21.10
N ASN A 222 9.44 5.12 -21.09
CA ASN A 222 8.05 5.20 -21.56
C ASN A 222 7.10 5.86 -20.59
N LYS A 223 7.57 6.04 -19.35
CA LYS A 223 6.77 6.65 -18.32
C LYS A 223 5.51 5.82 -18.03
N SER A 224 5.65 4.53 -18.27
CA SER A 224 4.60 3.56 -18.01
C SER A 224 4.92 2.73 -16.77
N PHE A 225 6.10 2.92 -16.16
CA PHE A 225 6.53 2.17 -14.97
C PHE A 225 7.28 3.10 -14.05
N LEU A 226 6.92 3.08 -12.78
CA LEU A 226 7.47 3.99 -11.78
C LEU A 226 7.83 3.35 -10.43
N VAL A 227 8.97 3.75 -9.86
CA VAL A 227 9.36 3.26 -8.55
C VAL A 227 9.81 4.46 -7.72
N TRP A 228 9.30 4.55 -6.49
CA TRP A 228 9.63 5.60 -5.50
C TRP A 228 10.52 4.92 -4.44
N VAL A 229 11.68 5.50 -4.13
CA VAL A 229 12.51 4.82 -3.16
C VAL A 229 12.69 5.54 -1.87
N ASN A 230 12.41 4.79 -0.80
CA ASN A 230 12.55 5.25 0.57
C ASN A 230 11.55 6.29 1.05
N GLU A 231 10.31 6.12 0.62
CA GLU A 231 9.27 7.03 1.00
C GLU A 231 8.46 6.50 2.21
N GLU A 232 7.37 5.80 1.97
CA GLU A 232 6.55 5.25 3.05
C GLU A 232 7.02 3.83 3.37
N ASP A 233 7.56 3.15 2.37
CA ASP A 233 8.09 1.79 2.49
C ASP A 233 9.38 1.82 1.67
N HIS A 234 10.24 0.80 1.75
CA HIS A 234 11.47 0.81 0.96
C HIS A 234 11.17 1.13 -0.50
N LEU A 235 10.27 0.34 -1.08
CA LEU A 235 9.90 0.57 -2.47
C LEU A 235 8.37 0.65 -2.71
N ARG A 236 8.00 1.47 -3.69
CA ARG A 236 6.62 1.63 -4.09
C ARG A 236 6.74 1.54 -5.57
N VAL A 237 6.11 0.53 -6.17
CA VAL A 237 6.14 0.30 -7.62
C VAL A 237 4.74 0.46 -8.28
N ILE A 238 4.71 1.11 -9.45
CA ILE A 238 3.46 1.40 -10.18
C ILE A 238 3.54 1.21 -11.67
N SER A 239 2.54 0.57 -12.23
CA SER A 239 2.46 0.38 -13.67
C SER A 239 1.18 1.13 -13.99
N MET A 240 1.25 2.07 -14.93
CA MET A 240 0.08 2.88 -15.31
C MET A 240 -0.05 3.07 -16.81
N GLU A 241 -1.18 3.61 -17.22
CA GLU A 241 -1.46 3.84 -18.64
C GLU A 241 -2.67 4.73 -18.81
N LYS A 242 -2.73 5.46 -19.92
CA LYS A 242 -3.90 6.25 -20.22
C LYS A 242 -4.80 5.19 -20.86
N GLY A 243 -6.09 5.15 -20.53
CA GLY A 243 -6.92 4.20 -21.21
C GLY A 243 -7.40 3.04 -20.40
N GLY A 244 -7.87 2.02 -21.11
CA GLY A 244 -8.44 0.89 -20.44
C GLY A 244 -7.80 -0.45 -20.58
N ASN A 245 -6.55 -0.55 -20.99
CA ASN A 245 -5.97 -1.87 -21.06
C ASN A 245 -5.38 -2.35 -19.73
N MET A 246 -6.28 -2.81 -18.85
CA MET A 246 -5.89 -3.31 -17.53
C MET A 246 -5.03 -4.58 -17.62
N LYS A 247 -5.21 -5.39 -18.66
CA LYS A 247 -4.39 -6.60 -18.81
C LYS A 247 -2.94 -6.22 -18.96
N GLU A 248 -2.68 -5.27 -19.83
CA GLU A 248 -1.35 -4.81 -20.13
C GLU A 248 -0.66 -4.09 -19.00
N VAL A 249 -1.46 -3.36 -18.22
CA VAL A 249 -0.93 -2.60 -17.10
C VAL A 249 -0.49 -3.60 -16.03
N PHE A 250 -1.26 -4.68 -15.88
CA PHE A 250 -0.96 -5.72 -14.91
C PHE A 250 0.23 -6.54 -15.39
N ARG A 251 0.27 -6.84 -16.68
CA ARG A 251 1.38 -7.62 -17.23
C ARG A 251 2.70 -6.85 -17.07
N ARG A 252 2.72 -5.56 -17.41
CA ARG A 252 3.95 -4.76 -17.26
C ARG A 252 4.36 -4.81 -15.80
N PHE A 253 3.37 -4.59 -14.94
CA PHE A 253 3.52 -4.62 -13.49
C PHE A 253 4.16 -5.92 -12.99
N CYS A 254 3.60 -7.06 -13.41
CA CYS A 254 4.07 -8.38 -12.99
C CYS A 254 5.49 -8.74 -13.46
N VAL A 255 5.77 -8.43 -14.72
CA VAL A 255 7.04 -8.67 -15.33
C VAL A 255 8.12 -7.75 -14.74
N GLY A 256 7.77 -6.49 -14.48
CA GLY A 256 8.74 -5.56 -13.94
C GLY A 256 9.14 -5.89 -12.51
N LEU A 257 8.16 -6.40 -11.77
CA LEU A 257 8.32 -6.79 -10.39
C LEU A 257 9.23 -8.01 -10.28
N GLN A 258 9.01 -9.00 -11.15
CA GLN A 258 9.81 -10.20 -11.17
C GLN A 258 11.27 -9.93 -11.58
N LYS A 259 11.51 -8.87 -12.32
CA LYS A 259 12.87 -8.50 -12.74
C LYS A 259 13.66 -7.81 -11.63
N ILE A 260 12.99 -7.01 -10.82
CA ILE A 260 13.66 -6.35 -9.70
C ILE A 260 13.85 -7.39 -8.57
N GLU A 261 12.88 -8.30 -8.47
CA GLU A 261 12.86 -9.36 -7.45
C GLU A 261 13.99 -10.36 -7.53
N GLU A 262 14.38 -10.76 -8.74
CA GLU A 262 15.46 -11.72 -8.93
C GLU A 262 16.84 -11.10 -8.71
N ILE A 263 16.94 -9.80 -8.99
CA ILE A 263 18.19 -9.08 -8.84
C ILE A 263 18.42 -8.96 -7.35
N PHE A 264 17.34 -8.69 -6.63
CA PHE A 264 17.39 -8.53 -5.18
C PHE A 264 17.60 -9.90 -4.50
N LYS A 265 17.11 -10.98 -5.10
CA LYS A 265 17.28 -12.32 -4.52
C LYS A 265 18.75 -12.72 -4.56
N LYS A 266 19.35 -12.49 -5.72
CA LYS A 266 20.75 -12.77 -6.01
C LYS A 266 21.75 -12.05 -5.12
N ALA A 267 21.35 -10.89 -4.59
CA ALA A 267 22.17 -10.04 -3.75
C ALA A 267 22.01 -10.37 -2.28
N GLY A 268 21.12 -11.31 -1.99
CA GLY A 268 20.86 -11.69 -0.61
C GLY A 268 19.78 -10.84 0.01
N HIS A 269 19.02 -10.14 -0.82
CA HIS A 269 17.94 -9.29 -0.31
C HIS A 269 16.59 -9.40 -1.01
N PRO A 270 15.85 -10.50 -0.79
CA PRO A 270 14.55 -10.63 -1.43
C PRO A 270 13.54 -9.69 -0.78
N PHE A 271 12.37 -9.57 -1.41
CA PHE A 271 11.23 -8.77 -0.93
C PHE A 271 10.77 -9.47 0.34
N MET A 272 10.44 -8.74 1.41
CA MET A 272 10.01 -9.41 2.65
C MET A 272 8.70 -10.04 2.38
N TRP A 273 8.56 -11.31 2.76
CA TRP A 273 7.35 -12.07 2.47
C TRP A 273 7.28 -13.30 3.37
N ASN A 274 6.08 -13.63 3.85
CA ASN A 274 5.87 -14.84 4.65
C ASN A 274 4.52 -15.47 4.32
N GLU A 275 4.41 -16.78 4.49
CA GLU A 275 3.19 -17.52 4.13
C GLU A 275 1.91 -17.04 4.78
N HIS A 276 2.05 -16.33 5.89
CA HIS A 276 0.88 -15.86 6.62
C HIS A 276 0.40 -14.47 6.25
N LEU A 277 1.36 -13.56 6.11
CA LEU A 277 1.13 -12.15 5.80
C LEU A 277 1.42 -11.69 4.38
N GLY A 278 1.88 -12.60 3.52
CA GLY A 278 2.22 -12.14 2.18
C GLY A 278 3.35 -11.10 2.28
N TYR A 279 3.39 -10.16 1.36
CA TYR A 279 4.43 -9.12 1.37
C TYR A 279 4.26 -8.24 2.60
N VAL A 280 5.33 -8.09 3.41
CA VAL A 280 5.25 -7.23 4.62
C VAL A 280 5.71 -5.79 4.35
N LEU A 281 5.00 -4.85 4.96
CA LEU A 281 5.20 -3.42 4.78
C LEU A 281 5.00 -2.76 6.12
N THR A 282 5.30 -1.48 6.22
CA THR A 282 5.20 -0.78 7.48
C THR A 282 3.82 -0.60 8.10
N CYS A 283 2.78 -0.45 7.29
CA CYS A 283 1.44 -0.28 7.89
C CYS A 283 0.63 -1.56 7.73
N PRO A 284 0.01 -2.07 8.81
CA PRO A 284 -0.78 -3.29 8.75
C PRO A 284 -1.93 -3.33 7.72
N SER A 285 -2.44 -2.16 7.32
CA SER A 285 -3.53 -2.11 6.38
C SER A 285 -3.11 -2.44 4.97
N ASN A 286 -1.80 -2.52 4.75
CA ASN A 286 -1.19 -2.81 3.46
C ASN A 286 -0.63 -4.21 3.28
N LEU A 287 -0.69 -5.02 4.33
CA LEU A 287 -0.14 -6.38 4.27
C LEU A 287 -0.75 -7.22 3.16
N GLY A 288 -0.10 -8.32 2.80
CA GLY A 288 -0.62 -9.20 1.77
C GLY A 288 -0.19 -8.96 0.34
N THR A 289 -0.83 -8.00 -0.30
CA THR A 289 -0.51 -7.69 -1.69
C THR A 289 0.08 -6.30 -1.78
N GLY A 290 -0.35 -5.45 -0.86
CA GLY A 290 0.07 -4.06 -0.86
C GLY A 290 -0.51 -3.38 -2.10
N LEU A 291 -1.25 -4.17 -2.90
CA LEU A 291 -1.83 -3.77 -4.17
C LEU A 291 -3.11 -2.98 -4.12
N ARG A 292 -3.15 -2.06 -5.09
CA ARG A 292 -4.26 -1.17 -5.34
C ARG A 292 -4.31 -0.98 -6.86
N GLY A 293 -5.12 -1.77 -7.54
CA GLY A 293 -5.23 -1.63 -8.99
C GLY A 293 -6.48 -0.81 -9.16
N GLY A 294 -6.52 0.07 -10.13
CA GLY A 294 -7.70 0.88 -10.25
C GLY A 294 -7.76 1.56 -11.59
N VAL A 295 -8.83 2.34 -11.77
CA VAL A 295 -9.07 3.08 -13.00
C VAL A 295 -9.63 4.44 -12.64
N HIS A 296 -9.66 5.31 -13.64
CA HIS A 296 -10.27 6.62 -13.48
C HIS A 296 -11.45 6.48 -14.45
N VAL A 297 -12.67 6.45 -13.91
CA VAL A 297 -13.90 6.29 -14.72
C VAL A 297 -14.90 7.45 -14.66
N LYS A 298 -15.50 7.72 -15.82
CA LYS A 298 -16.53 8.75 -15.97
C LYS A 298 -17.86 8.07 -15.59
N LEU A 299 -18.35 8.29 -14.38
CA LEU A 299 -19.61 7.69 -13.95
C LEU A 299 -20.58 8.82 -13.70
N ALA A 300 -20.97 9.44 -14.80
CA ALA A 300 -21.87 10.57 -14.78
C ALA A 300 -23.17 10.36 -14.03
N HIS A 301 -23.93 9.33 -14.42
CA HIS A 301 -25.22 9.09 -13.78
C HIS A 301 -25.12 8.18 -12.57
N LEU A 302 -24.34 7.09 -12.73
CA LEU A 302 -24.17 6.09 -11.69
C LEU A 302 -23.73 6.66 -10.35
N SER A 303 -22.89 7.70 -10.40
CA SER A 303 -22.39 8.32 -9.18
C SER A 303 -23.45 9.13 -8.45
N LYS A 304 -24.52 9.49 -9.17
CA LYS A 304 -25.61 10.23 -8.56
C LYS A 304 -26.67 9.27 -8.05
N HIS A 305 -26.60 8.03 -8.53
CA HIS A 305 -27.55 6.98 -8.18
C HIS A 305 -27.56 6.70 -6.69
N PRO A 306 -28.76 6.49 -6.12
CA PRO A 306 -28.90 6.19 -4.68
C PRO A 306 -28.12 4.98 -4.18
N LYS A 307 -27.90 4.04 -5.07
CA LYS A 307 -27.22 2.80 -4.74
C LYS A 307 -25.75 2.71 -5.14
N PHE A 308 -25.11 3.86 -5.35
CA PHE A 308 -23.71 3.90 -5.72
C PHE A 308 -22.89 3.22 -4.60
N GLU A 309 -22.94 3.73 -3.38
CA GLU A 309 -22.18 3.14 -2.28
C GLU A 309 -22.35 1.62 -2.08
N GLU A 310 -23.59 1.17 -2.16
CA GLU A 310 -23.91 -0.23 -1.99
C GLU A 310 -23.36 -1.10 -3.11
N ILE A 311 -23.39 -0.59 -4.35
CA ILE A 311 -22.89 -1.33 -5.50
C ILE A 311 -21.37 -1.44 -5.43
N LEU A 312 -20.74 -0.42 -4.85
CA LEU A 312 -19.28 -0.40 -4.68
C LEU A 312 -18.94 -1.54 -3.68
N THR A 313 -19.67 -1.58 -2.58
CA THR A 313 -19.47 -2.59 -1.56
C THR A 313 -19.66 -3.98 -2.06
N ARG A 314 -20.70 -4.25 -2.85
CA ARG A 314 -20.91 -5.61 -3.31
C ARG A 314 -19.94 -6.05 -4.36
N LEU A 315 -19.34 -5.06 -5.02
CA LEU A 315 -18.36 -5.38 -6.03
C LEU A 315 -17.02 -5.47 -5.29
N ARG A 316 -16.99 -5.06 -4.01
CA ARG A 316 -15.78 -5.09 -3.16
C ARG A 316 -14.72 -4.06 -3.60
N LEU A 317 -15.16 -2.99 -4.28
CA LEU A 317 -14.29 -1.93 -4.76
C LEU A 317 -14.54 -0.73 -3.89
N GLN A 318 -13.78 0.32 -4.16
CA GLN A 318 -13.90 1.55 -3.39
C GLN A 318 -13.47 2.71 -4.28
N LYS A 319 -13.84 3.92 -3.90
CA LYS A 319 -13.51 5.10 -4.69
C LYS A 319 -12.84 6.20 -3.89
N ARG A 320 -12.34 7.16 -4.64
CA ARG A 320 -11.72 8.34 -4.08
C ARG A 320 -11.73 9.45 -5.13
N GLY A 321 -11.52 10.68 -4.65
CA GLY A 321 -11.52 11.85 -5.50
C GLY A 321 -10.63 11.91 -6.72
N THR A 322 -10.99 12.93 -7.49
CA THR A 322 -10.44 13.43 -8.75
C THR A 322 -11.68 14.17 -9.31
N SER A 332 -16.80 14.46 -13.13
CA SER A 332 -17.36 13.41 -12.24
C SER A 332 -16.64 12.08 -12.47
N VAL A 333 -15.30 12.17 -12.46
CA VAL A 333 -14.46 11.00 -12.61
C VAL A 333 -14.06 10.57 -11.20
N PHE A 334 -14.02 9.26 -10.99
CA PHE A 334 -13.66 8.74 -9.69
C PHE A 334 -12.50 7.78 -9.85
N ASP A 335 -11.77 7.61 -8.76
CA ASP A 335 -10.67 6.70 -8.77
C ASP A 335 -11.23 5.52 -8.01
N ILE A 336 -11.57 4.48 -8.76
CA ILE A 336 -12.14 3.29 -8.19
C ILE A 336 -11.06 2.20 -8.19
N SER A 337 -10.88 1.54 -7.05
CA SER A 337 -9.91 0.45 -6.94
C SER A 337 -10.43 -0.69 -6.03
N ASN A 338 -9.77 -1.85 -6.08
CA ASN A 338 -10.15 -2.98 -5.23
C ASN A 338 -9.92 -2.53 -3.78
N ALA A 339 -10.69 -3.07 -2.86
CA ALA A 339 -10.56 -2.70 -1.46
C ALA A 339 -9.85 -3.73 -0.62
N ASP A 340 -9.64 -4.94 -1.14
CA ASP A 340 -8.99 -6.00 -0.35
C ASP A 340 -7.45 -5.96 -0.43
N ARG A 341 -6.78 -6.58 0.55
CA ARG A 341 -5.31 -6.65 0.58
C ARG A 341 -4.81 -8.01 1.05
N LEU A 342 -5.30 -8.45 2.21
CA LEU A 342 -4.94 -9.74 2.80
C LEU A 342 -6.07 -10.72 2.64
N GLY A 343 -5.72 -11.93 2.30
CA GLY A 343 -6.73 -12.96 2.16
C GLY A 343 -7.03 -13.25 0.71
N SER A 344 -6.58 -12.39 -0.21
CA SER A 344 -6.84 -12.60 -1.63
C SER A 344 -5.58 -12.25 -2.41
N SER A 345 -5.34 -12.98 -3.50
CA SER A 345 -4.16 -12.76 -4.35
C SER A 345 -4.30 -11.56 -5.25
N GLU A 346 -3.21 -11.13 -5.86
CA GLU A 346 -3.28 -9.96 -6.72
C GLU A 346 -4.12 -10.19 -7.97
N VAL A 347 -4.13 -11.42 -8.50
CA VAL A 347 -4.92 -11.69 -9.71
C VAL A 347 -6.39 -11.56 -9.38
N GLU A 348 -6.77 -11.93 -8.18
CA GLU A 348 -8.15 -11.86 -7.71
C GLU A 348 -8.57 -10.44 -7.41
N GLN A 349 -7.61 -9.59 -7.11
CA GLN A 349 -7.95 -8.20 -6.77
C GLN A 349 -8.06 -7.35 -8.01
N VAL A 350 -7.16 -7.57 -8.95
CA VAL A 350 -7.22 -6.83 -10.17
C VAL A 350 -8.34 -7.45 -11.01
N GLN A 351 -8.79 -8.66 -10.65
CA GLN A 351 -9.86 -9.33 -11.39
C GLN A 351 -11.16 -8.67 -11.03
N LEU A 352 -11.32 -8.39 -9.73
CA LEU A 352 -12.51 -7.72 -9.23
C LEU A 352 -12.65 -6.29 -9.81
N VAL A 353 -11.52 -5.67 -10.15
CA VAL A 353 -11.53 -4.33 -10.73
C VAL A 353 -12.03 -4.37 -12.19
N VAL A 354 -11.48 -5.30 -12.97
CA VAL A 354 -11.88 -5.45 -14.36
C VAL A 354 -13.36 -5.76 -14.42
N ASP A 355 -13.80 -6.73 -13.62
CA ASP A 355 -15.20 -7.16 -13.54
C ASP A 355 -16.24 -6.13 -13.13
N GLY A 356 -16.03 -5.47 -12.00
CA GLY A 356 -16.97 -4.49 -11.51
C GLY A 356 -16.97 -3.18 -12.26
N VAL A 357 -15.85 -2.86 -12.92
CA VAL A 357 -15.76 -1.62 -13.67
C VAL A 357 -16.40 -1.89 -15.04
N LYS A 358 -16.39 -3.14 -15.47
CA LYS A 358 -17.04 -3.52 -16.73
C LYS A 358 -18.54 -3.41 -16.45
N LEU A 359 -18.96 -4.00 -15.33
CA LEU A 359 -20.35 -3.95 -14.93
C LEU A 359 -20.86 -2.50 -14.83
N MET A 360 -20.15 -1.65 -14.08
CA MET A 360 -20.49 -0.23 -13.87
C MET A 360 -20.57 0.66 -15.12
N VAL A 361 -19.77 0.32 -16.14
CA VAL A 361 -19.81 1.06 -17.38
C VAL A 361 -21.10 0.63 -18.10
N GLU A 362 -21.51 -0.62 -17.93
CA GLU A 362 -22.76 -1.11 -18.51
C GLU A 362 -23.94 -0.38 -17.84
N MET A 363 -23.92 -0.33 -16.51
CA MET A 363 -24.95 0.35 -15.73
C MET A 363 -25.06 1.82 -16.13
N GLU A 364 -23.92 2.46 -16.37
CA GLU A 364 -23.85 3.86 -16.74
C GLU A 364 -24.39 4.06 -18.16
N LYS A 365 -24.25 3.04 -19.00
CA LYS A 365 -24.74 3.10 -20.36
C LYS A 365 -26.24 2.85 -20.41
N LYS A 366 -26.84 2.51 -19.26
CA LYS A 366 -28.27 2.27 -19.18
C LYS A 366 -28.94 3.50 -18.67
N LEU A 367 -28.38 4.05 -17.60
CA LEU A 367 -28.91 5.27 -17.04
C LEU A 367 -28.86 6.38 -18.10
N GLU A 368 -27.86 6.32 -18.98
CA GLU A 368 -27.76 7.30 -20.04
C GLU A 368 -29.03 7.24 -20.88
N LYS A 369 -29.62 6.04 -20.96
CA LYS A 369 -30.84 5.76 -21.72
C LYS A 369 -32.12 5.75 -20.86
N GLY A 370 -32.07 6.28 -19.65
CA GLY A 370 -33.26 6.29 -18.81
C GLY A 370 -33.72 4.94 -18.31
N GLN A 371 -32.86 3.91 -18.39
CA GLN A 371 -33.21 2.56 -17.91
C GLN A 371 -32.84 2.31 -16.43
N SER A 372 -33.41 1.27 -15.83
CA SER A 372 -33.13 0.91 -14.44
C SER A 372 -31.97 -0.10 -14.42
N ILE A 373 -31.25 -0.22 -13.30
CA ILE A 373 -30.08 -1.13 -13.21
C ILE A 373 -30.17 -2.25 -12.18
N ASP A 374 -29.35 -3.30 -12.41
CA ASP A 374 -29.30 -4.50 -11.55
C ASP A 374 -28.00 -4.98 -10.91
N ASP A 375 -28.05 -4.89 -9.57
CA ASP A 375 -26.99 -5.23 -8.66
C ASP A 375 -26.81 -6.73 -8.62
N MET A 376 -25.66 -7.13 -8.12
CA MET A 376 -25.29 -8.52 -8.02
C MET A 376 -25.15 -8.74 -6.55
N ILE A 377 -25.28 -9.98 -6.11
CA ILE A 377 -25.12 -10.24 -4.70
C ILE A 377 -23.60 -10.15 -4.41
N PRO A 378 -23.25 -9.72 -3.20
CA PRO A 378 -21.92 -9.52 -2.64
C PRO A 378 -20.77 -10.43 -2.92
N ALA A 379 -19.62 -9.76 -2.99
CA ALA A 379 -18.27 -10.29 -3.17
C ALA A 379 -17.90 -10.68 -4.58
N GLN A 380 -18.68 -10.28 -5.57
CA GLN A 380 -18.31 -10.67 -6.93
C GLN A 380 -18.04 -9.43 -7.72
N LYS A 381 -17.15 -9.55 -8.71
CA LYS A 381 -16.74 -8.42 -9.56
C LYS A 381 -16.14 -7.26 -8.69
S SO4 B . -4.69 3.27 -0.02
O1 SO4 B . -4.37 3.77 1.28
O2 SO4 B . -6.09 2.98 -0.06
O3 SO4 B . -4.37 4.26 -1.00
O4 SO4 B . -3.93 2.07 -0.31
S SO4 C . -1.61 5.30 -4.54
O1 SO4 C . -0.32 5.76 -4.98
O2 SO4 C . -1.63 5.19 -3.11
O3 SO4 C . -2.58 6.26 -4.96
O4 SO4 C . -1.90 4.03 -5.14
S SO4 D . -6.76 1.96 6.61
O1 SO4 D . -7.58 1.18 7.52
O2 SO4 D . -7.34 3.26 6.46
O3 SO4 D . -5.45 2.09 7.18
O4 SO4 D . -6.66 1.35 5.31
S SO4 E . 6.06 -15.86 -3.87
O1 SO4 E . 7.19 -16.49 -4.48
O2 SO4 E . 4.92 -16.73 -3.94
O3 SO4 E . 6.38 -15.58 -2.49
O4 SO4 E . 5.77 -14.66 -4.58
#